data_9F19
#
_entry.id   9F19
#
_cell.length_a   55.833
_cell.length_b   73.835
_cell.length_c   201.053
_cell.angle_alpha   90.000
_cell.angle_beta   90.000
_cell.angle_gamma   90.000
#
_symmetry.space_group_name_H-M   'P 21 2 21'
#
loop_
_entity.id
_entity.type
_entity.pdbx_description
1 polymer 'Ubiquitin carboxyl-terminal hydrolase 30,Ubiquitin carboxyl-terminal hydrolase 14,Ubiquitin carboxyl-terminal hydrolase 35'
2 non-polymer 4-fluoranyl-~{N}-[(2~{S})-1-[[4-[(2-methyl-1-oxidanyl-propan-2-yl)sulfamoyl]phenyl]amino]-1-oxidanylidene-3-phenyl-propan-2-yl]benzamide
3 water water
#
_entity_poly.entity_id   1
_entity_poly.type   'polypeptide(L)'
_entity_poly.pdbx_seq_one_letter_code
;GPKGLVPGLVNLGNTCFMNSLLQGLSACPAFIRWLEEFTSQYSRDQKEPPSHQYLSLTLLHLLKALSCQEVTDDEVLDAS
CLLDVLRMYRWQISSFEEQDAHELFHVITSSLEDERDGSGSHWKSQHPFGVEFETTMKCTESEEEEVTKGKENQDSLSLS
IPAATWGHPLTLDHCLHHFISQEEITKQSPTLQRNALYIKSSKISRLPQCLCIHLQRLSWSSHGTPLKRHEHVQFNEDLR
LPLAGGRGQAYRLMAVVVHHGDMHSGHFVTYRRSPPSARNPLSTSNQWLWVSDDTVRKASLQEVLSSSAYLLFYERV
;
_entity_poly.pdbx_strand_id   A,B
#
# COMPACT_ATOMS: atom_id res chain seq x y z
N LEU A 5 20.71 -20.87 24.83
CA LEU A 5 19.91 -19.68 25.11
C LEU A 5 20.24 -18.55 24.12
N VAL A 6 19.23 -17.72 23.83
CA VAL A 6 19.36 -16.54 22.98
C VAL A 6 19.06 -15.31 23.84
N PRO A 7 19.56 -14.12 23.52
CA PRO A 7 19.23 -12.96 24.34
C PRO A 7 17.77 -12.55 24.17
N GLY A 8 17.19 -12.06 25.26
CA GLY A 8 15.86 -11.50 25.22
C GLY A 8 15.87 -10.03 24.85
N LEU A 9 14.68 -9.46 24.72
CA LEU A 9 14.53 -8.04 24.41
C LEU A 9 13.56 -7.42 25.40
N VAL A 10 13.73 -6.14 25.70
CA VAL A 10 12.87 -5.51 26.67
C VAL A 10 11.67 -4.89 25.95
N ASN A 11 10.60 -4.70 26.71
CA ASN A 11 9.35 -4.14 26.20
C ASN A 11 9.27 -2.66 26.56
N LEU A 12 9.03 -1.83 25.55
CA LEU A 12 8.98 -0.37 25.70
C LEU A 12 7.52 0.10 25.82
N GLY A 13 6.82 -0.41 26.82
CA GLY A 13 5.37 -0.27 26.85
C GLY A 13 4.70 -1.39 26.07
N ASN A 14 4.33 -1.09 24.82
CA ASN A 14 3.85 -2.09 23.87
C ASN A 14 4.95 -2.27 22.83
N THR A 15 5.65 -3.41 22.89
CA THR A 15 6.61 -3.75 21.85
C THR A 15 6.50 -5.20 21.46
N CYS A 16 5.70 -6.00 22.19
CA CYS A 16 5.81 -7.47 22.25
C CYS A 16 5.83 -8.13 20.89
N PHE A 17 4.97 -7.65 19.97
CA PHE A 17 4.96 -8.22 18.63
C PHE A 17 6.27 -7.97 17.90
N MET A 18 6.84 -6.76 18.03
CA MET A 18 8.08 -6.45 17.32
C MET A 18 9.21 -7.36 17.79
N ASN A 19 9.36 -7.55 19.10
CA ASN A 19 10.42 -8.44 19.55
C ASN A 19 10.11 -9.90 19.24
N SER A 20 8.82 -10.28 19.21
CA SER A 20 8.47 -11.63 18.79
C SER A 20 8.85 -11.87 17.35
N LEU A 21 8.56 -10.87 16.50
CA LEU A 21 8.85 -10.94 15.08
C LEU A 21 10.35 -10.88 14.81
N LEU A 22 11.09 -10.07 15.58
CA LEU A 22 12.54 -10.02 15.44
C LEU A 22 13.16 -11.36 15.83
N GLN A 23 12.64 -11.99 16.89
CA GLN A 23 13.14 -13.30 17.28
C GLN A 23 12.85 -14.33 16.20
N GLY A 24 11.67 -14.22 15.58
CA GLY A 24 11.36 -15.11 14.47
C GLY A 24 12.26 -14.88 13.26
N LEU A 25 12.52 -13.61 12.93
CA LEU A 25 13.31 -13.27 11.75
C LEU A 25 14.77 -13.66 11.93
N SER A 26 15.25 -13.64 13.17
CA SER A 26 16.61 -14.06 13.43
C SER A 26 16.80 -15.54 13.23
N ALA A 27 15.72 -16.33 13.26
CA ALA A 27 15.78 -17.74 12.97
C ALA A 27 15.63 -18.05 11.49
N CYS A 28 15.93 -17.09 10.62
CA CYS A 28 15.94 -17.30 9.17
C CYS A 28 17.31 -16.96 8.62
N PRO A 29 18.17 -17.97 8.41
CA PRO A 29 19.57 -17.66 8.05
C PRO A 29 19.74 -17.12 6.64
N ALA A 30 18.84 -17.45 5.71
CA ALA A 30 18.96 -16.89 4.36
C ALA A 30 18.62 -15.41 4.34
N PHE A 31 17.64 -15.00 5.15
CA PHE A 31 17.31 -13.59 5.34
C PHE A 31 18.47 -12.83 5.98
N ILE A 32 19.14 -13.47 6.94
CA ILE A 32 20.37 -12.94 7.52
C ILE A 32 21.44 -12.77 6.46
N ARG A 33 21.60 -13.77 5.59
CA ARG A 33 22.61 -13.74 4.53
C ARG A 33 22.33 -12.63 3.54
N TRP A 34 21.06 -12.43 3.20
CA TRP A 34 20.70 -11.39 2.25
C TRP A 34 20.89 -9.99 2.84
N LEU A 35 20.67 -9.85 4.15
CA LEU A 35 21.04 -8.60 4.81
C LEU A 35 22.54 -8.38 4.81
N GLU A 36 23.31 -9.46 4.97
CA GLU A 36 24.77 -9.36 4.88
C GLU A 36 25.19 -8.95 3.47
N GLU A 37 24.48 -9.45 2.45
CA GLU A 37 24.71 -9.05 1.06
C GLU A 37 24.40 -7.58 0.85
N PHE A 38 23.42 -7.05 1.55
CA PHE A 38 23.27 -5.59 1.62
C PHE A 38 24.42 -4.97 2.39
N GLN A 53 21.42 6.75 9.35
CA GLN A 53 21.67 5.32 9.12
C GLN A 53 20.47 4.60 8.49
N TYR A 54 20.74 3.54 7.72
CA TYR A 54 19.71 2.85 6.94
C TYR A 54 19.16 1.63 7.68
N LEU A 55 17.91 1.27 7.33
CA LEU A 55 17.14 0.28 8.09
C LEU A 55 17.74 -1.11 7.98
N SER A 56 18.28 -1.44 6.80
CA SER A 56 18.82 -2.78 6.56
C SER A 56 19.96 -3.10 7.51
N LEU A 57 20.85 -2.13 7.74
CA LEU A 57 21.98 -2.37 8.63
C LEU A 57 21.54 -2.52 10.09
N THR A 58 20.60 -1.68 10.54
CA THR A 58 20.08 -1.81 11.90
C THR A 58 19.38 -3.13 12.09
N LEU A 59 18.61 -3.54 11.08
CA LEU A 59 17.90 -4.80 11.11
C LEU A 59 18.87 -5.97 11.15
N LEU A 60 20.00 -5.87 10.43
CA LEU A 60 21.03 -6.91 10.45
C LEU A 60 21.72 -6.98 11.81
N HIS A 61 21.98 -5.82 12.39
CA HIS A 61 22.60 -5.78 13.71
C HIS A 61 21.68 -6.42 14.75
N LEU A 62 20.39 -6.06 14.71
CA LEU A 62 19.41 -6.64 15.61
C LEU A 62 19.28 -8.15 15.43
N LEU A 63 19.23 -8.60 14.18
CA LEU A 63 19.03 -10.01 13.89
C LEU A 63 20.27 -10.85 14.12
N LYS A 64 21.46 -10.31 13.82
CA LYS A 64 22.67 -11.07 14.10
C LYS A 64 22.92 -11.13 15.59
N ALA A 65 22.52 -10.10 16.34
CA ALA A 65 22.66 -10.17 17.80
C ALA A 65 21.70 -11.19 18.40
N LEU A 66 20.49 -11.29 17.84
CA LEU A 66 19.53 -12.27 18.33
C LEU A 66 19.88 -13.69 17.92
N SER A 67 20.68 -13.86 16.88
CA SER A 67 21.26 -15.15 16.55
C SER A 67 22.59 -15.27 17.30
N CYS A 68 23.40 -16.26 16.94
CA CYS A 68 24.75 -16.50 17.49
C CYS A 68 24.73 -16.74 19.00
N GLN A 69 23.62 -17.30 19.50
CA GLN A 69 23.38 -17.63 20.92
C GLN A 69 23.58 -16.43 21.87
N GLU A 75 22.91 -11.64 28.00
CA GLU A 75 22.06 -10.58 28.56
C GLU A 75 20.75 -10.37 27.79
N VAL A 76 20.12 -9.22 28.00
CA VAL A 76 18.92 -8.83 27.27
C VAL A 76 19.28 -7.67 26.34
N LEU A 77 18.47 -7.51 25.30
CA LEU A 77 18.74 -6.55 24.24
C LEU A 77 17.65 -5.50 24.17
N ASP A 78 17.88 -4.52 23.32
CA ASP A 78 16.94 -3.43 23.12
C ASP A 78 16.79 -3.18 21.63
N ALA A 79 15.55 -3.06 21.18
CA ALA A 79 15.31 -2.84 19.76
C ALA A 79 14.67 -1.48 19.50
N SER A 80 14.90 -0.51 20.40
CA SER A 80 14.43 0.85 20.13
C SER A 80 15.09 1.44 18.90
N CYS A 81 16.29 0.95 18.55
CA CYS A 81 16.97 1.37 17.32
C CYS A 81 16.11 1.14 16.09
N LEU A 82 15.38 0.02 16.07
CA LEU A 82 14.48 -0.24 14.95
C LEU A 82 13.32 0.75 14.91
N LEU A 83 12.72 1.06 16.07
CA LEU A 83 11.64 2.03 16.11
C LEU A 83 12.13 3.42 15.71
N ASP A 84 13.36 3.75 16.09
CA ASP A 84 13.89 5.05 15.76
C ASP A 84 14.23 5.19 14.28
N VAL A 85 14.77 4.13 13.65
CA VAL A 85 15.09 4.25 12.23
C VAL A 85 13.78 4.34 11.43
N LEU A 86 12.74 3.61 11.88
CA LEU A 86 11.43 3.68 11.24
C LEU A 86 10.79 5.06 11.36
N ARG A 87 10.82 5.65 12.57
CA ARG A 87 10.29 7.01 12.75
C ARG A 87 11.05 8.08 11.99
N MET A 88 12.38 7.99 12.01
CA MET A 88 13.20 8.93 11.24
C MET A 88 12.99 8.78 9.73
N TYR A 89 12.46 7.65 9.29
CA TYR A 89 11.93 7.49 7.96
C TYR A 89 10.49 7.97 7.86
N ARG A 90 9.99 8.71 8.86
CA ARG A 90 8.64 9.31 8.87
C ARG A 90 7.56 8.25 8.78
N TRP A 91 7.74 7.16 9.53
CA TRP A 91 6.69 6.16 9.77
C TRP A 91 6.08 6.44 11.14
N GLN A 92 4.76 6.50 11.20
CA GLN A 92 4.09 6.79 12.46
C GLN A 92 3.76 5.46 13.11
N ILE A 93 4.68 4.95 13.92
CA ILE A 93 4.51 3.60 14.45
C ILE A 93 3.36 3.50 15.45
N SER A 94 3.00 4.61 16.11
CA SER A 94 1.94 4.55 17.10
C SER A 94 0.58 4.30 16.49
N SER A 95 0.44 4.39 15.17
CA SER A 95 -0.82 4.02 14.53
C SER A 95 -0.87 2.55 14.15
N PHE A 96 0.21 1.80 14.37
CA PHE A 96 0.23 0.38 14.02
C PHE A 96 -0.29 -0.54 15.10
N GLU A 97 -0.41 -0.06 16.34
CA GLU A 97 -1.05 -0.85 17.38
C GLU A 97 -2.55 -0.93 17.19
N GLU A 98 -3.12 -0.07 16.35
CA GLU A 98 -4.53 -0.14 16.04
C GLU A 98 -4.82 -1.05 14.86
N GLN A 99 -3.80 -1.54 14.17
CA GLN A 99 -4.00 -2.44 13.05
C GLN A 99 -3.58 -3.86 13.45
N ASP A 100 -3.75 -4.79 12.51
CA ASP A 100 -3.25 -6.13 12.69
C ASP A 100 -1.73 -6.10 12.77
N ALA A 101 -1.16 -6.97 13.63
CA ALA A 101 0.29 -7.00 13.86
C ALA A 101 1.07 -7.24 12.59
N HIS A 102 0.51 -8.06 11.68
CA HIS A 102 1.18 -8.49 10.47
C HIS A 102 1.55 -7.34 9.54
N GLU A 103 0.82 -6.21 9.62
CA GLU A 103 1.11 -5.05 8.78
C GLU A 103 2.46 -4.46 9.09
N LEU A 104 2.96 -4.65 10.31
CA LEU A 104 4.31 -4.23 10.61
C LEU A 104 5.31 -5.03 9.79
N PHE A 105 5.06 -6.34 9.64
CA PHE A 105 5.98 -7.18 8.87
C PHE A 105 6.03 -6.73 7.43
N HIS A 106 4.88 -6.42 6.86
CA HIS A 106 4.81 -5.91 5.50
C HIS A 106 5.53 -4.58 5.36
N VAL A 107 5.56 -3.77 6.43
CA VAL A 107 6.25 -2.49 6.33
C VAL A 107 7.76 -2.70 6.29
N ILE A 108 8.27 -3.64 7.11
CA ILE A 108 9.70 -3.94 7.12
C ILE A 108 10.16 -4.50 5.77
N THR A 109 9.41 -5.45 5.19
CA THR A 109 9.82 -5.99 3.89
C THR A 109 9.70 -4.93 2.80
N SER A 110 8.68 -4.08 2.85
CA SER A 110 8.53 -3.07 1.80
C SER A 110 9.58 -1.98 1.90
N SER A 111 10.06 -1.69 3.11
CA SER A 111 11.15 -0.74 3.31
C SER A 111 12.52 -1.33 2.97
N LEU A 112 12.69 -2.63 3.18
CA LEU A 112 13.94 -3.25 2.73
C LEU A 112 14.01 -3.31 1.21
N GLU A 113 12.87 -3.40 0.51
CA GLU A 113 12.88 -3.33 -0.95
C GLU A 113 13.12 -1.92 -1.47
N ASP A 114 12.86 -0.90 -0.66
CA ASP A 114 13.20 0.47 -1.06
C ASP A 114 14.71 0.72 -1.04
N GLU A 115 15.45 0.06 -0.13
CA GLU A 115 16.90 0.19 -0.11
C GLU A 115 17.54 -0.48 -1.31
N ARG A 116 16.98 -1.60 -1.79
CA ARG A 116 17.49 -2.19 -3.03
C ARG A 116 17.17 -1.32 -4.23
N ASP A 117 15.88 -1.14 -4.53
CA ASP A 117 15.47 -0.36 -5.69
C ASP A 117 15.52 1.15 -5.39
N HIS A 127 14.79 -10.53 -3.01
CA HIS A 127 14.03 -10.61 -1.75
C HIS A 127 13.85 -12.05 -1.24
N PRO A 128 14.22 -12.32 0.02
CA PRO A 128 14.11 -13.70 0.53
C PRO A 128 12.67 -14.13 0.83
N PHE A 129 11.76 -13.20 1.18
CA PHE A 129 10.38 -13.51 1.51
C PHE A 129 9.44 -13.43 0.33
N GLY A 130 9.93 -13.02 -0.83
CA GLY A 130 9.07 -12.69 -1.94
C GLY A 130 8.45 -13.90 -2.59
N VAL A 131 7.13 -13.99 -2.51
CA VAL A 131 6.38 -14.95 -3.32
C VAL A 131 5.80 -14.19 -4.51
N GLU A 132 5.76 -14.86 -5.67
CA GLU A 132 5.33 -14.24 -6.91
C GLU A 132 4.22 -15.08 -7.54
N PHE A 133 3.11 -14.41 -7.85
CA PHE A 133 1.94 -14.99 -8.47
C PHE A 133 1.79 -14.51 -9.91
N GLU A 134 1.44 -15.43 -10.81
CA GLU A 134 1.00 -15.09 -12.16
C GLU A 134 -0.52 -15.17 -12.18
N THR A 135 -1.16 -14.06 -12.49
CA THR A 135 -2.61 -13.94 -12.46
C THR A 135 -3.14 -13.75 -13.87
N THR A 136 -4.30 -14.34 -14.16
CA THR A 136 -4.99 -14.11 -15.42
C THR A 136 -6.37 -13.54 -15.15
N MET A 137 -6.75 -12.52 -15.92
CA MET A 137 -8.05 -11.87 -15.84
C MET A 137 -8.78 -11.99 -17.18
N LYS A 138 -10.08 -12.27 -17.14
CA LYS A 138 -10.89 -12.41 -18.35
C LYS A 138 -12.34 -12.07 -18.02
N CYS A 139 -13.08 -11.66 -19.05
CA CYS A 139 -14.50 -11.34 -18.92
C CYS A 139 -15.25 -11.63 -20.22
N GLU A 145 -13.91 -13.44 -24.39
CA GLU A 145 -13.54 -12.57 -25.50
C GLU A 145 -12.03 -12.26 -25.52
N GLU A 146 -11.47 -11.96 -24.35
CA GLU A 146 -10.04 -11.66 -24.25
C GLU A 146 -9.57 -11.98 -22.84
N VAL A 147 -8.25 -12.14 -22.69
CA VAL A 147 -7.63 -12.44 -21.40
C VAL A 147 -6.37 -11.60 -21.26
N THR A 148 -5.97 -11.36 -20.01
CA THR A 148 -4.80 -10.55 -19.71
C THR A 148 -4.04 -11.19 -18.56
N LYS A 149 -2.77 -11.51 -18.78
CA LYS A 149 -1.94 -12.17 -17.77
C LYS A 149 -0.98 -11.16 -17.16
N GLY A 150 -1.22 -10.83 -15.89
CA GLY A 150 -0.33 -9.99 -15.13
C GLY A 150 0.45 -10.79 -14.09
N LYS A 151 1.37 -10.08 -13.42
CA LYS A 151 2.15 -10.65 -12.33
C LYS A 151 1.98 -9.80 -11.08
N GLU A 152 1.88 -10.47 -9.92
CA GLU A 152 1.69 -9.85 -8.61
C GLU A 152 2.72 -10.42 -7.64
N ASN A 153 3.18 -9.60 -6.67
CA ASN A 153 4.16 -10.02 -5.67
C ASN A 153 3.64 -9.82 -4.25
N GLN A 154 3.98 -10.74 -3.35
CA GLN A 154 3.57 -10.63 -1.95
C GLN A 154 4.73 -11.05 -1.04
N ASP A 155 4.72 -10.50 0.18
CA ASP A 155 5.77 -10.75 1.16
C ASP A 155 5.49 -11.97 2.04
N SER A 156 4.29 -12.54 1.96
CA SER A 156 3.89 -13.64 2.81
C SER A 156 2.62 -14.26 2.24
N LEU A 157 2.21 -15.34 2.87
CA LEU A 157 0.98 -16.04 2.50
C LEU A 157 -0.03 -15.88 3.64
N SER A 158 -1.04 -15.05 3.41
CA SER A 158 -2.04 -14.76 4.43
C SER A 158 -3.27 -15.60 4.14
N LEU A 159 -3.54 -16.57 5.02
CA LEU A 159 -4.55 -17.60 4.82
C LEU A 159 -5.73 -17.42 5.76
N SER A 160 -6.93 -17.37 5.19
CA SER A 160 -8.15 -17.34 5.98
C SER A 160 -8.34 -18.66 6.68
N ILE A 161 -8.63 -18.61 7.98
CA ILE A 161 -8.89 -19.80 8.78
C ILE A 161 -10.27 -20.34 8.43
N PRO A 162 -10.39 -21.52 7.84
CA PRO A 162 -11.70 -22.02 7.42
C PRO A 162 -12.51 -22.59 8.59
N ALA A 163 -13.80 -22.79 8.33
CA ALA A 163 -14.70 -23.26 9.37
C ALA A 163 -14.46 -24.74 9.62
N ALA A 164 -14.39 -25.11 10.90
CA ALA A 164 -14.10 -26.48 11.27
C ALA A 164 -15.34 -27.33 11.06
N THR A 165 -15.20 -28.38 10.26
CA THR A 165 -16.28 -29.35 10.16
C THR A 165 -16.08 -30.43 11.22
N TRP A 166 -17.17 -31.13 11.54
CA TRP A 166 -17.15 -32.08 12.64
C TRP A 166 -16.38 -33.34 12.24
N GLY A 167 -15.51 -33.81 13.12
CA GLY A 167 -14.79 -35.04 12.90
C GLY A 167 -13.44 -34.88 12.23
N HIS A 168 -13.07 -33.69 11.78
CA HIS A 168 -11.79 -33.47 11.10
C HIS A 168 -11.14 -32.20 11.60
N PRO A 169 -9.94 -32.27 12.18
CA PRO A 169 -9.33 -31.11 12.81
C PRO A 169 -8.87 -30.11 11.76
N LEU A 170 -8.65 -28.89 12.22
CA LEU A 170 -8.18 -27.82 11.34
C LEU A 170 -6.70 -28.02 11.05
N THR A 171 -6.36 -28.21 9.79
CA THR A 171 -4.97 -28.36 9.43
C THR A 171 -4.53 -27.19 8.57
N LEU A 172 -3.23 -26.89 8.65
CA LEU A 172 -2.65 -25.86 7.82
C LEU A 172 -2.70 -26.21 6.34
N ASP A 173 -2.70 -27.51 6.00
CA ASP A 173 -2.83 -27.91 4.60
C ASP A 173 -4.21 -27.58 4.06
N HIS A 174 -5.23 -27.69 4.92
CA HIS A 174 -6.57 -27.28 4.50
C HIS A 174 -6.64 -25.78 4.24
N CYS A 175 -6.04 -24.96 5.10
CA CYS A 175 -6.04 -23.51 4.84
C CYS A 175 -5.30 -23.17 3.58
N LEU A 176 -4.13 -23.78 3.39
CA LEU A 176 -3.32 -23.54 2.19
C LEU A 176 -4.06 -23.98 0.94
N HIS A 177 -4.76 -25.11 1.00
CA HIS A 177 -5.55 -25.55 -0.14
C HIS A 177 -6.74 -24.62 -0.35
N HIS A 178 -7.31 -24.09 0.73
CA HIS A 178 -8.46 -23.19 0.63
C HIS A 178 -8.03 -21.84 0.06
N PHE A 179 -6.81 -21.43 0.34
CA PHE A 179 -6.27 -20.19 -0.21
C PHE A 179 -5.85 -20.38 -1.66
N ILE A 180 -5.41 -21.58 -2.01
CA ILE A 180 -5.01 -21.86 -3.38
C ILE A 180 -6.24 -21.95 -4.29
N SER A 181 -7.32 -22.55 -3.79
CA SER A 181 -8.54 -22.70 -4.59
C SER A 181 -9.19 -21.35 -4.88
N GLN A 182 -9.25 -20.46 -3.89
CA GLN A 182 -9.70 -19.06 -4.02
C GLN A 182 -11.13 -18.93 -4.57
N LYS A 200 -11.02 -13.69 -12.66
CA LYS A 200 -9.70 -13.41 -12.10
C LYS A 200 -9.06 -14.58 -11.32
N SER A 201 -8.09 -15.28 -11.92
CA SER A 201 -7.42 -16.41 -11.28
C SER A 201 -6.04 -16.01 -10.79
N SER A 202 -5.42 -16.87 -9.97
CA SER A 202 -4.07 -16.61 -9.47
C SER A 202 -3.40 -17.93 -9.09
N LYS A 203 -2.14 -18.10 -9.51
CA LYS A 203 -1.34 -19.28 -9.25
C LYS A 203 0.04 -18.87 -8.74
N ILE A 204 0.67 -19.72 -7.93
CA ILE A 204 2.04 -19.43 -7.49
C ILE A 204 3.00 -19.79 -8.62
N SER A 205 3.86 -18.84 -9.01
CA SER A 205 4.85 -19.09 -10.03
C SER A 205 6.29 -18.81 -9.60
N ARG A 206 6.53 -18.23 -8.42
CA ARG A 206 7.86 -18.23 -7.84
C ARG A 206 7.71 -18.29 -6.33
N LEU A 207 8.36 -19.22 -5.74
CA LEU A 207 8.32 -19.49 -4.32
C LEU A 207 9.55 -18.90 -3.62
N PRO A 208 9.41 -18.39 -2.40
CA PRO A 208 10.55 -17.75 -1.74
C PRO A 208 11.46 -18.73 -1.01
N GLN A 209 12.70 -18.26 -0.74
CA GLN A 209 13.63 -19.05 0.05
C GLN A 209 13.19 -19.11 1.50
N CYS A 210 12.76 -17.99 2.05
CA CYS A 210 12.20 -17.91 3.39
C CYS A 210 10.71 -17.57 3.27
N LEU A 211 9.86 -18.37 3.92
CA LEU A 211 8.41 -18.28 3.76
C LEU A 211 7.76 -17.84 5.05
N CYS A 212 6.92 -16.80 4.98
CA CYS A 212 6.13 -16.37 6.12
C CYS A 212 4.65 -16.68 5.86
N ILE A 213 3.99 -17.28 6.83
CA ILE A 213 2.61 -17.69 6.68
C ILE A 213 1.83 -17.05 7.81
N HIS A 214 0.93 -16.14 7.46
CA HIS A 214 0.10 -15.42 8.41
C HIS A 214 -1.28 -16.03 8.35
N LEU A 215 -1.80 -16.48 9.50
CA LEU A 215 -3.15 -17.03 9.58
C LEU A 215 -4.07 -15.96 10.13
N GLN A 216 -5.12 -15.61 9.37
CA GLN A 216 -5.93 -14.45 9.74
C GLN A 216 -6.78 -14.79 10.95
N ARG A 217 -6.14 -14.70 12.13
CA ARG A 217 -6.79 -14.93 13.41
C ARG A 217 -7.71 -13.81 13.79
N LEU A 218 -7.63 -12.66 13.14
CA LEU A 218 -8.48 -11.52 13.43
C LEU A 218 -9.58 -11.44 12.38
N SER A 219 -10.81 -11.81 12.76
CA SER A 219 -11.95 -11.79 11.85
C SER A 219 -12.81 -10.58 12.15
N TRP A 220 -13.76 -10.29 11.26
CA TRP A 220 -14.69 -9.19 11.48
C TRP A 220 -16.12 -9.63 11.17
N SER A 221 -17.04 -9.39 12.12
CA SER A 221 -18.41 -9.83 11.94
C SER A 221 -19.13 -8.97 10.88
N SER A 222 -20.35 -9.40 10.52
CA SER A 222 -21.13 -8.64 9.54
C SER A 222 -21.61 -7.33 10.12
N HIS A 223 -21.70 -7.24 11.44
CA HIS A 223 -21.99 -6.01 12.16
C HIS A 223 -20.79 -5.07 12.23
N GLY A 224 -19.61 -5.49 11.78
CA GLY A 224 -18.43 -4.66 11.81
C GLY A 224 -17.63 -4.73 13.08
N THR A 225 -17.95 -5.64 13.98
CA THR A 225 -17.14 -5.67 15.17
C THR A 225 -16.15 -6.84 15.11
N PRO A 226 -14.90 -6.61 15.50
CA PRO A 226 -13.86 -7.61 15.31
C PRO A 226 -13.81 -8.66 16.40
N LEU A 227 -13.27 -9.83 16.04
CA LEU A 227 -13.15 -10.94 16.97
C LEU A 227 -11.89 -11.75 16.66
N LYS A 228 -11.39 -12.44 17.68
CA LYS A 228 -10.22 -13.31 17.51
C LYS A 228 -10.68 -14.75 17.42
N ARG A 229 -10.22 -15.44 16.37
CA ARG A 229 -10.41 -16.88 16.24
C ARG A 229 -9.36 -17.60 17.09
N HIS A 230 -9.84 -18.38 18.06
CA HIS A 230 -8.99 -19.09 19.01
C HIS A 230 -8.59 -20.49 18.55
N GLU A 231 -9.13 -20.97 17.42
CA GLU A 231 -9.08 -22.40 17.09
C GLU A 231 -7.65 -22.83 16.74
N HIS A 232 -7.31 -24.08 17.08
CA HIS A 232 -5.94 -24.54 16.88
C HIS A 232 -5.81 -25.19 15.51
N VAL A 233 -4.80 -24.78 14.73
CA VAL A 233 -4.53 -25.36 13.42
C VAL A 233 -3.31 -26.28 13.50
N GLN A 234 -3.48 -27.53 13.08
CA GLN A 234 -2.40 -28.50 13.18
C GLN A 234 -1.34 -28.20 12.13
N PHE A 235 -0.08 -28.13 12.56
CA PHE A 235 1.01 -27.90 11.63
C PHE A 235 2.17 -28.80 12.02
N ASN A 236 2.87 -29.27 11.00
CA ASN A 236 4.05 -30.10 11.16
C ASN A 236 5.25 -29.26 10.79
N GLU A 237 6.43 -29.69 11.25
CA GLU A 237 7.60 -28.90 10.93
C GLU A 237 8.02 -29.08 9.48
N ASP A 238 7.66 -30.20 8.84
CA ASP A 238 7.99 -30.43 7.44
C ASP A 238 6.72 -30.16 6.60
N LEU A 239 6.78 -29.14 5.75
CA LEU A 239 5.61 -28.69 4.98
C LEU A 239 5.99 -28.65 3.52
N ARG A 240 5.27 -29.39 2.66
CA ARG A 240 5.55 -29.40 1.23
C ARG A 240 4.53 -28.51 0.53
N LEU A 241 5.02 -27.45 -0.11
CA LEU A 241 4.20 -26.58 -0.92
C LEU A 241 3.96 -27.23 -2.29
N PRO A 242 2.71 -27.33 -2.72
CA PRO A 242 2.42 -28.12 -3.94
C PRO A 242 2.77 -27.35 -5.22
N LEU A 243 3.56 -28.00 -6.07
CA LEU A 243 3.96 -27.38 -7.33
C LEU A 243 2.84 -27.50 -8.36
N GLN A 249 7.75 -27.85 -3.83
CA GLN A 249 8.93 -27.46 -3.03
C GLN A 249 8.68 -27.84 -1.59
N ALA A 250 9.74 -27.96 -0.79
CA ALA A 250 9.63 -28.40 0.60
C ALA A 250 10.28 -27.39 1.53
N TYR A 251 9.69 -27.22 2.72
CA TYR A 251 10.08 -26.20 3.69
C TYR A 251 10.15 -26.81 5.09
N ARG A 252 11.08 -26.27 5.89
CA ARG A 252 11.31 -26.70 7.27
C ARG A 252 11.04 -25.56 8.23
N LEU A 253 10.26 -25.84 9.28
CA LEU A 253 9.82 -24.82 10.23
C LEU A 253 10.97 -24.28 11.06
N MET A 254 11.01 -22.95 11.19
CA MET A 254 12.02 -22.26 11.95
C MET A 254 11.48 -21.47 13.14
N ALA A 255 10.34 -20.79 12.99
CA ALA A 255 9.81 -20.05 14.13
C ALA A 255 8.30 -19.92 14.04
N VAL A 256 7.68 -19.71 15.20
CA VAL A 256 6.23 -19.60 15.32
C VAL A 256 5.95 -18.45 16.25
N VAL A 257 5.24 -17.44 15.77
CA VAL A 257 4.71 -16.35 16.59
C VAL A 257 3.29 -16.75 16.99
N VAL A 258 3.00 -16.73 18.30
CA VAL A 258 1.65 -16.97 18.82
C VAL A 258 1.15 -15.75 19.58
N HIS A 259 -0.19 -15.62 19.63
CA HIS A 259 -0.87 -14.57 20.36
C HIS A 259 -1.68 -15.13 21.52
N HIS A 260 -1.69 -14.43 22.65
CA HIS A 260 -2.46 -14.83 23.82
C HIS A 260 -3.39 -13.73 24.29
N GLY A 261 -4.53 -14.14 24.83
CA GLY A 261 -5.46 -13.22 25.45
C GLY A 261 -6.46 -12.69 24.45
N ASP A 262 -7.16 -11.65 24.87
CA ASP A 262 -8.10 -10.95 23.99
C ASP A 262 -7.32 -10.23 22.88
N MET A 263 -8.06 -9.83 21.85
CA MET A 263 -7.45 -9.22 20.67
C MET A 263 -6.70 -7.93 20.98
N HIS A 264 -7.21 -7.13 21.93
CA HIS A 264 -6.59 -5.86 22.29
C HIS A 264 -5.42 -6.04 23.25
N SER A 265 -5.22 -7.24 23.78
CA SER A 265 -3.97 -7.53 24.48
C SER A 265 -2.85 -7.69 23.47
N GLY A 266 -1.67 -7.26 23.85
CA GLY A 266 -0.54 -7.33 22.94
C GLY A 266 0.38 -8.49 23.26
N HIS A 267 -0.15 -9.56 23.86
CA HIS A 267 0.68 -10.65 24.33
C HIS A 267 1.13 -11.52 23.14
N PHE A 268 2.36 -11.31 22.70
CA PHE A 268 2.93 -12.05 21.59
C PHE A 268 4.19 -12.77 22.03
N VAL A 269 4.31 -14.05 21.64
CA VAL A 269 5.35 -14.96 22.10
C VAL A 269 5.91 -15.72 20.90
N THR A 270 7.24 -15.95 20.85
CA THR A 270 7.82 -16.69 19.74
C THR A 270 8.54 -17.96 20.21
N TYR A 271 8.20 -19.09 19.60
CA TYR A 271 9.04 -20.29 19.61
C TYR A 271 9.97 -20.27 18.40
N ARG A 272 11.24 -20.60 18.63
CA ARG A 272 12.21 -20.59 17.54
C ARG A 272 13.28 -21.64 17.79
N ARG A 273 13.99 -21.99 16.72
CA ARG A 273 15.08 -22.94 16.85
C ARG A 273 16.31 -22.30 17.52
N SER A 274 17.09 -23.13 18.21
CA SER A 274 18.38 -22.68 18.72
C SER A 274 19.33 -22.38 17.57
N PRO A 275 20.23 -21.42 17.73
CA PRO A 275 21.19 -21.14 16.66
C PRO A 275 22.25 -22.23 16.58
N PRO A 276 22.76 -22.54 15.36
CA PRO A 276 23.79 -23.57 15.21
C PRO A 276 25.16 -23.07 15.63
N THR A 284 21.59 -26.69 10.63
CA THR A 284 20.38 -26.28 11.36
C THR A 284 20.21 -27.07 12.64
N SER A 285 19.89 -26.39 13.73
CA SER A 285 19.80 -27.03 15.04
C SER A 285 18.46 -27.73 15.21
N ASN A 286 18.30 -28.37 16.38
CA ASN A 286 17.13 -29.19 16.65
C ASN A 286 16.44 -28.89 17.96
N GLN A 287 16.96 -27.98 18.78
CA GLN A 287 16.41 -27.68 20.09
C GLN A 287 15.66 -26.36 20.07
N TRP A 288 14.41 -26.37 20.54
CA TRP A 288 13.56 -25.21 20.42
C TRP A 288 13.65 -24.32 21.67
N LEU A 289 13.29 -23.06 21.48
CA LEU A 289 13.37 -22.03 22.51
C LEU A 289 12.07 -21.23 22.51
N TRP A 290 11.62 -20.91 23.73
CA TRP A 290 10.47 -20.06 23.95
C TRP A 290 10.96 -18.70 24.39
N VAL A 291 10.51 -17.64 23.70
CA VAL A 291 10.91 -16.27 23.98
C VAL A 291 9.65 -15.44 24.19
N SER A 292 9.53 -14.85 25.38
CA SER A 292 8.56 -13.80 25.70
C SER A 292 9.38 -12.67 26.32
N ASP A 293 9.78 -11.73 25.46
CA ASP A 293 10.59 -10.54 25.80
C ASP A 293 11.91 -10.98 26.45
N ASP A 294 12.19 -10.61 27.70
CA ASP A 294 13.43 -11.01 28.35
C ASP A 294 13.44 -12.48 28.73
N THR A 295 12.26 -13.09 28.88
CA THR A 295 12.17 -14.46 29.37
C THR A 295 12.41 -15.42 28.20
N VAL A 296 13.53 -16.14 28.27
CA VAL A 296 13.92 -17.14 27.28
C VAL A 296 14.16 -18.45 28.01
N ARG A 297 13.65 -19.55 27.43
CA ARG A 297 13.90 -20.86 28.03
C ARG A 297 13.89 -21.94 26.96
N LYS A 298 14.34 -23.14 27.35
CA LYS A 298 14.25 -24.30 26.49
C LYS A 298 12.79 -24.71 26.29
N ALA A 299 12.50 -25.32 25.14
CA ALA A 299 11.13 -25.68 24.82
C ALA A 299 11.11 -26.96 23.99
N SER A 300 10.12 -27.81 24.25
CA SER A 300 9.95 -29.05 23.51
C SER A 300 9.27 -28.78 22.16
N LEU A 301 9.38 -29.76 21.27
CA LEU A 301 8.72 -29.65 19.98
C LEU A 301 7.22 -29.79 20.12
N GLN A 302 6.76 -30.65 21.05
CA GLN A 302 5.33 -30.82 21.21
C GLN A 302 4.68 -29.57 21.77
N GLU A 303 5.43 -28.80 22.57
CA GLU A 303 4.96 -27.49 23.01
C GLU A 303 4.83 -26.52 21.85
N VAL A 304 5.79 -26.54 20.91
CA VAL A 304 5.72 -25.68 19.75
C VAL A 304 4.54 -26.08 18.87
N LEU A 305 4.38 -27.38 18.63
CA LEU A 305 3.34 -27.84 17.71
C LEU A 305 1.95 -27.75 18.33
N SER A 306 1.85 -27.79 19.65
CA SER A 306 0.56 -27.62 20.30
C SER A 306 0.11 -26.17 20.40
N SER A 307 0.93 -25.20 20.03
CA SER A 307 0.59 -23.80 20.22
C SER A 307 -0.45 -23.33 19.19
N SER A 308 -1.07 -22.17 19.47
CA SER A 308 -2.07 -21.59 18.57
C SER A 308 -1.38 -20.60 17.63
N ALA A 309 -0.92 -21.10 16.48
CA ALA A 309 -0.01 -20.30 15.65
C ALA A 309 -0.70 -19.09 15.03
N TYR A 310 0.01 -17.97 15.05
CA TYR A 310 -0.34 -16.75 14.32
C TYR A 310 0.57 -16.52 13.12
N LEU A 311 1.89 -16.47 13.32
CA LEU A 311 2.81 -16.37 12.19
C LEU A 311 3.74 -17.58 12.19
N LEU A 312 3.98 -18.14 11.01
CA LEU A 312 4.88 -19.27 10.87
C LEU A 312 6.00 -18.89 9.93
N PHE A 313 7.24 -19.14 10.34
CA PHE A 313 8.41 -18.83 9.53
C PHE A 313 9.09 -20.13 9.17
N TYR A 314 9.08 -20.44 7.87
CA TYR A 314 9.72 -21.61 7.28
C TYR A 314 10.91 -21.18 6.42
N GLU A 315 11.83 -22.13 6.17
CA GLU A 315 12.95 -21.93 5.25
C GLU A 315 12.99 -23.07 4.26
N ARG A 316 13.40 -22.78 3.01
CA ARG A 316 13.44 -23.81 1.98
C ARG A 316 14.56 -24.81 2.24
N VAL A 317 14.21 -26.10 2.25
CA VAL A 317 15.19 -27.16 2.47
C VAL A 317 16.03 -27.44 1.22
N LYS B 3 14.26 11.76 3.70
CA LYS B 3 14.62 10.62 2.85
C LYS B 3 13.39 10.07 2.17
N GLY B 4 13.25 10.39 0.88
CA GLY B 4 12.13 9.89 0.10
C GLY B 4 10.81 10.60 0.34
N LEU B 5 10.83 11.72 1.05
CA LEU B 5 9.63 12.49 1.34
C LEU B 5 9.38 13.52 0.26
N VAL B 6 8.16 14.06 0.26
CA VAL B 6 7.82 15.19 -0.59
C VAL B 6 7.60 16.39 0.31
N PRO B 7 7.79 17.60 -0.21
CA PRO B 7 7.42 18.79 0.55
C PRO B 7 5.92 18.95 0.67
N GLY B 8 5.49 19.55 1.77
CA GLY B 8 4.09 19.80 2.01
C GLY B 8 3.61 21.08 1.36
N LEU B 9 2.40 21.49 1.75
CA LEU B 9 1.75 22.67 1.18
C LEU B 9 1.00 23.40 2.29
N VAL B 10 0.65 24.66 2.05
CA VAL B 10 -0.04 25.47 3.06
C VAL B 10 -1.53 25.55 2.74
N ASN B 11 -2.32 25.84 3.77
CA ASN B 11 -3.78 25.99 3.64
C ASN B 11 -4.09 27.48 3.78
N LEU B 12 -4.55 28.08 2.70
CA LEU B 12 -4.96 29.49 2.70
C LEU B 12 -6.48 29.55 2.80
N GLY B 13 -6.98 29.76 4.01
CA GLY B 13 -8.41 29.63 4.18
C GLY B 13 -8.77 28.17 4.05
N ASN B 14 -9.33 27.82 2.91
CA ASN B 14 -9.68 26.43 2.61
C ASN B 14 -9.13 26.08 1.24
N THR B 15 -7.86 25.64 1.17
CA THR B 15 -7.31 25.09 -0.06
C THR B 15 -6.94 23.63 0.07
N CYS B 16 -7.57 22.91 1.01
CA CYS B 16 -7.11 21.58 1.39
C CYS B 16 -7.28 20.59 0.24
N PHE B 17 -8.39 20.68 -0.50
CA PHE B 17 -8.55 19.89 -1.72
C PHE B 17 -7.53 20.30 -2.77
N MET B 18 -7.20 21.58 -2.85
CA MET B 18 -6.27 22.00 -3.88
C MET B 18 -4.88 21.48 -3.63
N ASN B 19 -4.41 21.50 -2.37
CA ASN B 19 -3.14 20.86 -2.05
C ASN B 19 -3.21 19.36 -2.27
N SER B 20 -4.37 18.76 -1.99
CA SER B 20 -4.57 17.35 -2.30
C SER B 20 -4.43 17.08 -3.79
N LEU B 21 -5.01 17.95 -4.62
CA LEU B 21 -4.98 17.74 -6.06
C LEU B 21 -3.59 17.97 -6.62
N LEU B 22 -2.89 18.98 -6.11
CA LEU B 22 -1.52 19.25 -6.56
C LEU B 22 -0.59 18.10 -6.21
N GLN B 23 -0.74 17.54 -4.99
CA GLN B 23 0.06 16.38 -4.63
C GLN B 23 -0.33 15.16 -5.46
N GLY B 24 -1.60 15.03 -5.84
CA GLY B 24 -1.99 13.95 -6.73
C GLY B 24 -1.48 14.14 -8.14
N LEU B 25 -1.48 15.38 -8.63
CA LEU B 25 -1.11 15.63 -10.01
C LEU B 25 0.39 15.54 -10.20
N SER B 26 1.18 15.92 -9.18
CA SER B 26 2.62 15.80 -9.32
C SER B 26 3.11 14.37 -9.15
N ALA B 27 2.25 13.40 -8.83
CA ALA B 27 2.55 11.98 -8.86
C ALA B 27 2.36 11.34 -10.24
N CYS B 28 2.05 12.13 -11.27
CA CYS B 28 1.97 11.58 -12.63
C CYS B 28 3.15 12.10 -13.44
N PRO B 29 4.13 11.26 -13.77
CA PRO B 29 5.32 11.77 -14.46
C PRO B 29 5.04 12.20 -15.89
N ALA B 30 4.10 11.54 -16.57
CA ALA B 30 3.77 11.87 -17.96
C ALA B 30 3.13 13.25 -18.05
N PHE B 31 2.31 13.62 -17.07
CA PHE B 31 1.77 14.97 -17.02
C PHE B 31 2.88 16.01 -16.90
N ILE B 32 3.89 15.74 -16.06
CA ILE B 32 4.99 16.67 -15.87
C ILE B 32 5.86 16.77 -17.12
N ARG B 33 6.05 15.64 -17.82
CA ARG B 33 6.78 15.66 -19.09
C ARG B 33 6.02 16.42 -20.17
N TRP B 34 4.69 16.26 -20.21
CA TRP B 34 3.88 17.04 -21.14
C TRP B 34 3.96 18.52 -20.83
N LEU B 35 3.95 18.89 -19.54
CA LEU B 35 4.05 20.30 -19.18
C LEU B 35 5.42 20.86 -19.50
N GLU B 36 6.48 20.08 -19.30
CA GLU B 36 7.82 20.50 -19.66
C GLU B 36 7.94 20.76 -21.16
N GLU B 37 7.25 19.94 -21.97
CA GLU B 37 7.24 20.20 -23.41
C GLU B 37 6.36 21.39 -23.80
N PHE B 38 5.19 21.52 -23.17
CA PHE B 38 4.27 22.60 -23.53
C PHE B 38 4.80 23.96 -23.14
N THR B 39 5.53 24.05 -22.02
CA THR B 39 6.09 25.33 -21.58
C THR B 39 7.37 25.70 -22.32
N SER B 40 7.85 24.85 -23.25
CA SER B 40 8.93 25.23 -24.14
C SER B 40 8.51 26.27 -25.17
N GLN B 41 7.23 26.62 -25.22
CA GLN B 41 6.77 27.75 -26.03
C GLN B 41 7.50 29.03 -25.64
N TYR B 42 7.75 29.20 -24.35
CA TYR B 42 8.21 30.46 -23.81
C TYR B 42 9.66 30.41 -23.33
N TYR B 54 0.37 32.76 -17.19
CA TYR B 54 0.21 31.47 -17.86
C TYR B 54 0.07 30.32 -16.87
N LEU B 55 -1.04 29.56 -16.96
CA LEU B 55 -1.29 28.48 -16.00
C LEU B 55 -0.30 27.33 -16.13
N SER B 56 0.14 27.02 -17.36
CA SER B 56 1.04 25.88 -17.55
C SER B 56 2.39 26.10 -16.87
N LEU B 57 2.94 27.32 -16.96
CA LEU B 57 4.25 27.60 -16.36
C LEU B 57 4.20 27.53 -14.84
N THR B 58 3.22 28.20 -14.21
CA THR B 58 3.14 28.18 -12.74
C THR B 58 2.74 26.80 -12.22
N LEU B 59 1.84 26.11 -12.94
CA LEU B 59 1.44 24.76 -12.54
C LEU B 59 2.60 23.78 -12.62
N LEU B 60 3.40 23.83 -13.69
CA LEU B 60 4.58 22.96 -13.78
C LEU B 60 5.60 23.30 -12.69
N HIS B 61 5.76 24.60 -12.37
CA HIS B 61 6.68 24.99 -11.29
C HIS B 61 6.27 24.36 -9.97
N LEU B 62 4.97 24.43 -9.65
CA LEU B 62 4.45 23.82 -8.43
C LEU B 62 4.62 22.30 -8.44
N LEU B 63 4.30 21.66 -9.58
CA LEU B 63 4.33 20.20 -9.63
C LEU B 63 5.75 19.67 -9.60
N LYS B 64 6.68 20.38 -10.24
CA LYS B 64 8.08 19.98 -10.22
C LYS B 64 8.68 20.15 -8.83
N ALA B 65 8.25 21.18 -8.09
CA ALA B 65 8.68 21.34 -6.70
C ALA B 65 8.12 20.23 -5.80
N LEU B 66 6.85 19.84 -6.04
CA LEU B 66 6.20 18.88 -5.14
C LEU B 66 6.75 17.47 -5.32
N SER B 67 7.19 17.11 -6.53
CA SER B 67 7.75 15.79 -6.81
C SER B 67 9.27 15.89 -6.82
N CYS B 68 9.86 15.80 -5.62
CA CYS B 68 11.31 15.80 -5.47
C CYS B 68 11.72 14.96 -4.28
N ASP B 74 12.65 19.60 5.55
CA ASP B 74 11.21 19.68 5.69
C ASP B 74 10.65 20.97 5.06
N GLU B 75 10.78 21.09 3.75
CA GLU B 75 10.27 22.25 3.02
C GLU B 75 8.76 22.18 2.92
N VAL B 76 8.13 23.36 2.86
CA VAL B 76 6.70 23.49 2.56
C VAL B 76 6.54 24.66 1.60
N LEU B 77 5.80 24.46 0.52
CA LEU B 77 5.62 25.49 -0.50
C LEU B 77 4.28 26.20 -0.37
N ASP B 78 4.19 27.34 -1.04
CA ASP B 78 3.00 28.20 -1.05
C ASP B 78 2.29 28.00 -2.38
N ALA B 79 1.12 27.38 -2.35
CA ALA B 79 0.32 27.20 -3.56
C ALA B 79 -0.47 28.45 -3.94
N SER B 80 -0.27 29.55 -3.18
CA SER B 80 -1.00 30.81 -3.36
C SER B 80 -0.93 31.32 -4.79
N CYS B 81 0.24 31.16 -5.43
CA CYS B 81 0.49 31.64 -6.79
C CYS B 81 -0.50 31.04 -7.79
N LEU B 82 -0.90 29.77 -7.59
CA LEU B 82 -1.86 29.15 -8.50
C LEU B 82 -3.19 29.88 -8.48
N LEU B 83 -3.66 30.27 -7.28
CA LEU B 83 -4.89 31.04 -7.16
C LEU B 83 -4.79 32.35 -7.92
N ASP B 84 -3.61 32.99 -7.86
CA ASP B 84 -3.39 34.26 -8.53
C ASP B 84 -3.51 34.12 -10.05
N VAL B 85 -2.97 33.03 -10.62
CA VAL B 85 -3.06 32.93 -12.08
C VAL B 85 -4.48 32.49 -12.44
N LEU B 86 -5.15 31.79 -11.51
CA LEU B 86 -6.58 31.55 -11.66
C LEU B 86 -7.38 32.84 -11.61
N ARG B 87 -6.88 33.84 -10.87
CA ARG B 87 -7.51 35.15 -10.95
C ARG B 87 -7.18 35.86 -12.25
N MET B 88 -5.96 35.66 -12.80
CA MET B 88 -5.59 36.39 -14.02
C MET B 88 -6.22 35.82 -15.27
N TYR B 89 -6.69 34.57 -15.23
CA TYR B 89 -7.38 33.92 -16.33
C TYR B 89 -8.90 34.04 -16.22
N ARG B 90 -9.39 35.01 -15.43
CA ARG B 90 -10.80 35.40 -15.31
C ARG B 90 -11.67 34.24 -14.79
N TRP B 91 -11.37 33.84 -13.56
CA TRP B 91 -12.18 32.86 -12.83
C TRP B 91 -12.60 33.43 -11.48
N GLN B 92 -13.77 33.00 -11.00
CA GLN B 92 -14.35 33.52 -9.77
C GLN B 92 -13.73 32.93 -8.51
N ILE B 93 -13.14 31.72 -8.57
CA ILE B 93 -12.44 31.02 -7.49
C ILE B 93 -13.34 30.73 -6.28
N SER B 94 -13.82 31.80 -5.62
CA SER B 94 -14.63 31.67 -4.41
C SER B 94 -15.98 31.01 -4.65
N SER B 95 -16.42 30.85 -5.91
CA SER B 95 -17.62 30.07 -6.20
C SER B 95 -17.41 28.59 -5.95
N PHE B 96 -16.16 28.10 -6.01
CA PHE B 96 -15.89 26.66 -6.01
C PHE B 96 -16.22 25.98 -4.70
N GLU B 97 -16.37 26.75 -3.61
CA GLU B 97 -16.79 26.18 -2.33
C GLU B 97 -18.24 25.71 -2.37
N GLU B 98 -19.06 26.23 -3.29
CA GLU B 98 -20.45 25.83 -3.37
C GLU B 98 -20.69 24.69 -4.37
N GLN B 99 -19.66 24.21 -5.06
CA GLN B 99 -19.75 23.13 -6.06
C GLN B 99 -18.91 21.93 -5.62
N ASP B 100 -18.97 20.85 -6.40
CA ASP B 100 -18.11 19.69 -6.18
C ASP B 100 -16.64 20.07 -6.41
N ALA B 101 -15.75 19.43 -5.64
CA ALA B 101 -14.33 19.76 -5.66
C ALA B 101 -13.70 19.49 -7.01
N HIS B 102 -14.08 18.38 -7.64
CA HIS B 102 -13.47 17.91 -8.88
C HIS B 102 -13.60 18.93 -10.01
N GLU B 103 -14.60 19.82 -9.91
CA GLU B 103 -14.83 20.87 -10.91
C GLU B 103 -13.62 21.78 -11.06
N LEU B 104 -12.85 21.97 -9.98
CA LEU B 104 -11.66 22.79 -10.06
C LEU B 104 -10.64 22.16 -11.01
N PHE B 105 -10.53 20.82 -10.99
CA PHE B 105 -9.70 20.09 -11.93
C PHE B 105 -10.08 20.42 -13.38
N HIS B 106 -11.40 20.45 -13.68
CA HIS B 106 -11.86 20.77 -15.02
C HIS B 106 -11.43 22.17 -15.39
N VAL B 107 -11.51 23.09 -14.41
CA VAL B 107 -11.13 24.48 -14.61
C VAL B 107 -9.64 24.59 -14.88
N ILE B 108 -8.84 23.66 -14.33
CA ILE B 108 -7.45 23.53 -14.76
C ILE B 108 -7.40 23.10 -16.22
N THR B 109 -7.95 21.90 -16.52
CA THR B 109 -7.68 21.24 -17.80
C THR B 109 -8.26 22.03 -18.96
N SER B 110 -9.48 22.56 -18.77
CA SER B 110 -10.13 23.37 -19.79
C SER B 110 -9.30 24.61 -20.09
N SER B 111 -8.74 25.23 -19.06
CA SER B 111 -7.94 26.41 -19.30
C SER B 111 -6.61 26.03 -19.97
N LEU B 112 -6.09 24.83 -19.69
CA LEU B 112 -4.93 24.34 -20.42
C LEU B 112 -5.29 24.10 -21.87
N GLU B 113 -6.50 23.59 -22.11
CA GLU B 113 -6.95 23.49 -23.49
C GLU B 113 -7.16 24.86 -24.11
N ASP B 114 -7.54 25.85 -23.30
CA ASP B 114 -7.61 27.21 -23.81
C ASP B 114 -6.23 27.77 -24.10
N GLU B 115 -5.21 27.28 -23.40
CA GLU B 115 -3.85 27.64 -23.76
C GLU B 115 -3.37 26.90 -25.00
N ARG B 116 -3.97 25.74 -25.30
CA ARG B 116 -3.64 25.05 -26.55
C ARG B 116 -4.10 25.86 -27.76
N ASP B 117 -5.37 26.27 -27.78
CA ASP B 117 -5.84 27.19 -28.80
C ASP B 117 -5.17 28.54 -28.62
N GLY B 118 -4.98 29.25 -29.73
CA GLY B 118 -4.26 30.50 -29.61
C GLY B 118 -2.76 30.36 -29.36
N SER B 119 -2.20 29.19 -29.66
CA SER B 119 -0.76 28.98 -29.64
C SER B 119 -0.30 28.69 -31.05
N GLY B 120 0.72 29.40 -31.51
CA GLY B 120 1.22 29.12 -32.84
C GLY B 120 2.33 28.11 -32.87
N SER B 121 2.72 27.62 -31.69
CA SER B 121 3.83 26.68 -31.55
C SER B 121 3.34 25.28 -31.24
N HIS B 122 2.53 25.12 -30.19
CA HIS B 122 2.16 23.81 -29.69
C HIS B 122 0.65 23.62 -29.68
N TRP B 123 -0.02 23.98 -30.77
CA TRP B 123 -1.48 23.89 -30.80
C TRP B 123 -2.00 22.48 -31.05
N LYS B 124 -1.15 21.51 -31.40
CA LYS B 124 -1.61 20.14 -31.56
C LYS B 124 -1.16 19.25 -30.41
N SER B 125 -0.77 19.87 -29.29
CA SER B 125 -0.19 19.17 -28.15
C SER B 125 -1.25 18.97 -27.06
N GLN B 126 -2.07 17.94 -27.24
CA GLN B 126 -3.16 17.68 -26.30
C GLN B 126 -2.63 17.08 -24.99
N HIS B 127 -3.24 17.50 -23.87
CA HIS B 127 -2.83 17.06 -22.54
C HIS B 127 -3.17 15.58 -22.32
N PRO B 128 -2.43 14.87 -21.45
CA PRO B 128 -2.57 13.40 -21.37
C PRO B 128 -3.82 12.88 -20.69
N PHE B 129 -4.75 13.74 -20.26
CA PHE B 129 -5.92 13.22 -19.57
C PHE B 129 -7.14 13.05 -20.47
N GLY B 130 -7.05 13.48 -21.72
CA GLY B 130 -8.23 13.49 -22.58
C GLY B 130 -8.64 12.08 -22.97
N VAL B 131 -9.94 11.80 -22.89
CA VAL B 131 -10.49 10.50 -23.23
C VAL B 131 -11.60 10.69 -24.26
N GLU B 132 -11.59 9.88 -25.31
CA GLU B 132 -12.57 9.97 -26.38
C GLU B 132 -13.77 9.07 -26.06
N PHE B 133 -14.97 9.55 -26.40
CA PHE B 133 -16.21 8.78 -26.21
C PHE B 133 -17.00 8.59 -27.52
N GLU B 152 -17.10 12.84 -28.40
CA GLU B 152 -16.74 13.71 -27.27
C GLU B 152 -15.36 13.42 -26.62
N ASN B 153 -14.63 14.49 -26.25
CA ASN B 153 -13.33 14.39 -25.59
C ASN B 153 -13.44 15.01 -24.19
N GLN B 154 -13.32 14.18 -23.16
CA GLN B 154 -13.50 14.61 -21.78
C GLN B 154 -12.19 14.50 -21.00
N ASP B 155 -12.18 15.08 -19.78
CA ASP B 155 -10.97 15.22 -18.96
C ASP B 155 -10.75 14.07 -18.00
N SER B 156 -11.81 13.43 -17.51
CA SER B 156 -11.69 12.34 -16.55
C SER B 156 -12.93 11.44 -16.65
N LEU B 157 -12.77 10.23 -16.13
CA LEU B 157 -13.83 9.22 -16.11
C LEU B 157 -14.58 9.34 -14.79
N SER B 158 -15.77 9.93 -14.84
CA SER B 158 -16.62 10.06 -13.66
C SER B 158 -17.56 8.86 -13.57
N LEU B 159 -17.57 8.20 -12.42
CA LEU B 159 -18.38 7.01 -12.21
C LEU B 159 -19.31 7.25 -11.04
N SER B 160 -20.58 6.88 -11.19
CA SER B 160 -21.54 6.95 -10.09
C SER B 160 -21.47 5.68 -9.24
N ILE B 161 -21.57 5.84 -7.92
CA ILE B 161 -21.40 4.73 -6.98
C ILE B 161 -22.75 4.05 -6.80
N PRO B 162 -22.89 2.78 -7.14
CA PRO B 162 -24.14 2.07 -6.85
C PRO B 162 -24.19 1.60 -5.40
N ALA B 163 -25.26 0.91 -5.04
CA ALA B 163 -25.43 0.43 -3.67
C ALA B 163 -25.72 -1.06 -3.70
N ALA B 164 -25.39 -1.75 -2.59
CA ALA B 164 -25.66 -3.19 -2.54
C ALA B 164 -26.11 -3.71 -1.17
N HIS B 168 -22.12 -7.98 0.03
CA HIS B 168 -21.99 -7.53 -1.36
C HIS B 168 -21.14 -6.26 -1.47
N PRO B 169 -19.81 -6.43 -1.57
CA PRO B 169 -18.92 -5.27 -1.60
C PRO B 169 -18.87 -4.59 -2.95
N LEU B 170 -18.68 -3.27 -2.90
CA LEU B 170 -18.58 -2.46 -4.10
C LEU B 170 -17.15 -2.49 -4.63
N THR B 171 -17.01 -2.75 -5.93
CA THR B 171 -15.69 -2.77 -6.55
C THR B 171 -15.70 -1.85 -7.77
N LEU B 172 -14.50 -1.42 -8.16
CA LEU B 172 -14.35 -0.45 -9.25
C LEU B 172 -14.83 -1.00 -10.57
N ASP B 173 -14.77 -2.31 -10.75
CA ASP B 173 -15.26 -2.92 -11.97
C ASP B 173 -16.78 -2.85 -12.05
N HIS B 174 -17.47 -2.86 -10.90
CA HIS B 174 -18.93 -2.67 -10.91
C HIS B 174 -19.31 -1.26 -11.35
N CYS B 175 -18.51 -0.27 -10.96
CA CYS B 175 -18.75 1.10 -11.39
C CYS B 175 -18.42 1.28 -12.87
N LEU B 176 -17.38 0.58 -13.36
CA LEU B 176 -17.03 0.65 -14.77
C LEU B 176 -18.04 -0.06 -15.64
N HIS B 177 -18.61 -1.16 -15.14
CA HIS B 177 -19.69 -1.84 -15.84
C HIS B 177 -20.96 -1.01 -15.86
N HIS B 178 -21.21 -0.23 -14.80
CA HIS B 178 -22.38 0.64 -14.77
C HIS B 178 -22.25 1.83 -15.72
N PHE B 179 -21.05 2.12 -16.21
CA PHE B 179 -20.84 3.22 -17.17
C PHE B 179 -21.41 2.90 -18.56
N SER B 202 -22.06 6.03 -26.29
CA SER B 202 -21.63 6.84 -25.16
C SER B 202 -20.71 6.07 -24.21
N LYS B 203 -19.97 5.08 -24.74
CA LYS B 203 -18.94 4.37 -24.00
C LYS B 203 -17.59 5.03 -24.27
N ILE B 204 -16.54 4.58 -23.57
CA ILE B 204 -15.21 5.10 -23.84
C ILE B 204 -14.75 4.61 -25.21
N SER B 205 -14.06 5.49 -25.95
CA SER B 205 -13.57 5.20 -27.28
C SER B 205 -12.05 5.10 -27.33
N ARG B 206 -11.34 6.06 -26.75
CA ARG B 206 -9.89 6.05 -26.76
C ARG B 206 -9.40 6.39 -25.37
N LEU B 207 -8.28 5.76 -24.95
CA LEU B 207 -7.92 5.91 -23.54
C LEU B 207 -6.73 6.85 -23.33
N PRO B 208 -6.80 7.68 -22.30
CA PRO B 208 -5.73 8.66 -22.04
C PRO B 208 -4.46 8.03 -21.53
N GLN B 209 -3.37 8.78 -21.65
CA GLN B 209 -2.12 8.35 -21.03
C GLN B 209 -2.20 8.48 -19.51
N CYS B 210 -2.69 9.62 -19.03
CA CYS B 210 -2.92 9.86 -17.62
C CYS B 210 -4.42 9.76 -17.36
N LEU B 211 -4.82 8.88 -16.45
CA LEU B 211 -6.23 8.60 -16.27
C LEU B 211 -6.65 9.06 -14.89
N CYS B 212 -7.69 9.89 -14.85
CA CYS B 212 -8.28 10.31 -13.60
C CYS B 212 -9.68 9.74 -13.46
N ILE B 213 -9.96 9.12 -12.31
CA ILE B 213 -11.26 8.50 -12.04
C ILE B 213 -11.90 9.29 -10.90
N HIS B 214 -13.07 9.84 -11.17
CA HIS B 214 -13.80 10.60 -10.15
C HIS B 214 -14.98 9.77 -9.69
N LEU B 215 -14.99 9.40 -8.41
CA LEU B 215 -16.10 8.62 -7.88
C LEU B 215 -17.14 9.57 -7.33
N GLN B 216 -18.39 9.41 -7.77
CA GLN B 216 -19.47 10.32 -7.42
C GLN B 216 -19.92 10.06 -5.98
N ARG B 217 -19.21 10.68 -5.04
CA ARG B 217 -19.58 10.63 -3.63
C ARG B 217 -20.68 11.61 -3.28
N LEU B 218 -21.04 12.49 -4.20
CA LEU B 218 -22.11 13.46 -4.01
C LEU B 218 -23.30 13.01 -4.85
N SER B 219 -24.40 12.67 -4.17
CA SER B 219 -25.64 12.28 -4.83
C SER B 219 -26.74 13.28 -4.49
N TRP B 220 -27.82 13.27 -5.26
CA TRP B 220 -28.84 14.32 -5.14
C TRP B 220 -30.27 13.79 -5.23
N THR B 225 -31.36 17.74 -3.22
CA THR B 225 -30.67 17.85 -1.93
C THR B 225 -29.47 16.93 -1.92
N PRO B 226 -28.32 17.43 -1.50
CA PRO B 226 -27.07 16.65 -1.60
C PRO B 226 -26.97 15.57 -0.52
N LEU B 227 -26.16 14.56 -0.85
CA LEU B 227 -25.91 13.37 -0.05
C LEU B 227 -24.46 12.97 -0.21
N LYS B 228 -23.83 12.56 0.88
CA LYS B 228 -22.46 12.09 0.85
C LYS B 228 -22.46 10.57 0.88
N ARG B 229 -21.75 9.95 -0.05
CA ARG B 229 -21.72 8.50 -0.13
C ARG B 229 -20.47 7.99 0.56
N HIS B 230 -20.66 7.18 1.59
CA HIS B 230 -19.56 6.76 2.43
C HIS B 230 -18.98 5.41 2.06
N GLU B 231 -19.70 4.62 1.26
CA GLU B 231 -19.39 3.22 1.10
C GLU B 231 -18.05 3.03 0.41
N HIS B 232 -17.26 2.08 0.92
CA HIS B 232 -15.93 1.84 0.36
C HIS B 232 -16.05 1.05 -0.92
N VAL B 233 -15.30 1.46 -1.93
CA VAL B 233 -15.25 0.77 -3.21
C VAL B 233 -13.83 0.26 -3.45
N GLN B 234 -13.71 -1.02 -3.78
CA GLN B 234 -12.42 -1.65 -4.05
C GLN B 234 -11.76 -1.02 -5.27
N PHE B 235 -10.46 -0.78 -5.19
CA PHE B 235 -9.67 -0.42 -6.34
C PHE B 235 -8.33 -1.11 -6.21
N ASN B 236 -7.70 -1.36 -7.34
CA ASN B 236 -6.46 -2.12 -7.34
C ASN B 236 -5.32 -1.28 -7.89
N GLU B 237 -4.09 -1.64 -7.50
CA GLU B 237 -2.90 -0.90 -7.91
C GLU B 237 -2.70 -0.98 -9.41
N ASP B 238 -3.06 -2.12 -10.01
CA ASP B 238 -3.09 -2.27 -11.45
C ASP B 238 -4.54 -2.30 -11.92
N LEU B 239 -4.83 -1.58 -13.00
CA LEU B 239 -6.17 -1.54 -13.58
C LEU B 239 -6.08 -1.61 -15.10
N ARG B 240 -6.70 -2.63 -15.68
CA ARG B 240 -6.76 -2.82 -17.13
C ARG B 240 -8.16 -2.47 -17.62
N LEU B 241 -8.26 -1.65 -18.67
CA LEU B 241 -9.55 -1.34 -19.28
C LEU B 241 -9.61 -1.87 -20.71
N PRO B 242 -10.69 -2.54 -21.09
CA PRO B 242 -10.77 -3.15 -22.41
C PRO B 242 -11.48 -2.29 -23.46
N LEU B 243 -10.95 -2.32 -24.68
CA LEU B 243 -11.65 -1.81 -25.86
C LEU B 243 -11.39 -2.77 -27.02
N ALA B 244 -11.90 -2.42 -28.20
CA ALA B 244 -11.79 -3.27 -29.38
C ALA B 244 -10.38 -3.21 -29.95
N GLY B 245 -9.68 -4.34 -29.96
CA GLY B 245 -8.31 -4.41 -30.42
C GLY B 245 -7.29 -4.02 -29.36
N GLY B 246 -6.15 -3.47 -29.78
CA GLY B 246 -5.15 -2.97 -28.87
C GLY B 246 -5.41 -1.59 -28.34
N ARG B 247 -6.63 -1.08 -28.54
CA ARG B 247 -6.99 0.25 -28.06
C ARG B 247 -7.05 0.30 -26.53
N GLY B 248 -7.55 -0.78 -25.89
CA GLY B 248 -7.60 -0.81 -24.44
C GLY B 248 -6.23 -0.93 -23.82
N GLN B 249 -6.11 -0.50 -22.56
CA GLN B 249 -4.77 -0.33 -22.02
C GLN B 249 -4.73 -0.61 -20.52
N ALA B 250 -3.52 -0.71 -20.01
CA ALA B 250 -3.27 -1.03 -18.61
C ALA B 250 -2.63 0.16 -17.92
N TYR B 251 -3.06 0.40 -16.68
CA TYR B 251 -2.65 1.55 -15.90
C TYR B 251 -2.16 1.10 -14.53
N ARG B 252 -1.32 1.94 -13.91
CA ARG B 252 -0.82 1.72 -12.55
C ARG B 252 -1.19 2.90 -11.66
N LEU B 253 -1.58 2.58 -10.41
CA LEU B 253 -2.09 3.62 -9.52
C LEU B 253 -0.98 4.51 -8.98
N MET B 254 -1.10 5.81 -9.24
CA MET B 254 -0.13 6.80 -8.80
C MET B 254 -0.57 7.60 -7.57
N ALA B 255 -1.85 7.97 -7.47
CA ALA B 255 -2.29 8.74 -6.29
C ALA B 255 -3.77 8.51 -6.05
N VAL B 256 -4.18 8.75 -4.79
CA VAL B 256 -5.56 8.64 -4.31
C VAL B 256 -5.90 9.90 -3.54
N VAL B 257 -6.87 10.65 -4.02
CA VAL B 257 -7.45 11.73 -3.23
C VAL B 257 -8.65 11.18 -2.47
N VAL B 258 -8.70 11.45 -1.16
CA VAL B 258 -9.69 10.90 -0.22
C VAL B 258 -10.35 12.05 0.53
N HIS B 259 -11.67 11.97 0.69
CA HIS B 259 -12.44 12.91 1.51
C HIS B 259 -12.74 12.32 2.88
N HIS B 260 -12.72 13.16 3.92
CA HIS B 260 -13.10 12.76 5.27
C HIS B 260 -14.18 13.67 5.83
N GLY B 261 -14.95 13.14 6.77
CA GLY B 261 -15.91 13.95 7.49
C GLY B 261 -17.16 14.16 6.66
N ASP B 262 -18.02 15.06 7.16
CA ASP B 262 -19.29 15.38 6.51
C ASP B 262 -19.04 16.10 5.19
N MET B 263 -20.11 16.29 4.42
CA MET B 263 -19.95 16.78 3.05
C MET B 263 -19.46 18.22 2.98
N HIS B 264 -19.60 19.00 4.06
CA HIS B 264 -19.10 20.37 4.08
C HIS B 264 -17.80 20.53 4.88
N SER B 265 -17.28 19.46 5.47
CA SER B 265 -15.90 19.48 5.97
C SER B 265 -14.95 19.53 4.79
N GLY B 266 -13.92 20.37 4.89
CA GLY B 266 -12.98 20.55 3.79
C GLY B 266 -11.83 19.58 3.81
N HIS B 267 -11.96 18.52 4.61
CA HIS B 267 -10.87 17.58 4.87
C HIS B 267 -10.62 16.73 3.64
N PHE B 268 -9.48 16.97 2.99
CA PHE B 268 -9.05 16.17 1.86
C PHE B 268 -7.61 15.76 2.10
N VAL B 269 -7.29 14.53 1.68
CA VAL B 269 -6.03 13.89 1.98
C VAL B 269 -5.55 13.19 0.72
N THR B 270 -4.25 13.28 0.40
CA THR B 270 -3.73 12.55 -0.75
C THR B 270 -2.75 11.46 -0.33
N TYR B 271 -3.01 10.24 -0.79
CA TYR B 271 -2.04 9.16 -0.76
C TYR B 271 -1.29 9.17 -2.08
N ARG B 272 0.01 9.43 -2.05
CA ARG B 272 0.79 9.43 -3.29
C ARG B 272 2.09 8.65 -3.14
N ARG B 273 2.56 8.08 -4.25
CA ARG B 273 3.84 7.37 -4.29
C ARG B 273 4.99 8.32 -4.05
N SER B 274 6.07 7.80 -3.47
CA SER B 274 7.29 8.57 -3.27
C SER B 274 7.95 8.93 -4.61
N PRO B 275 8.68 10.05 -4.68
CA PRO B 275 9.36 10.39 -5.93
C PRO B 275 10.44 9.37 -6.26
N PRO B 276 10.72 9.15 -7.55
CA PRO B 276 11.78 8.19 -7.93
C PRO B 276 13.15 8.62 -7.42
N SER B 277 13.93 7.63 -7.01
CA SER B 277 15.27 7.85 -6.50
C SER B 277 16.21 8.33 -7.61
N ALA B 278 17.29 9.01 -7.20
CA ALA B 278 18.31 9.44 -8.14
C ALA B 278 19.32 8.33 -8.45
N ARG B 279 19.26 7.20 -7.74
CA ARG B 279 20.08 6.04 -8.08
C ARG B 279 19.36 5.10 -9.05
N ASN B 280 18.04 5.11 -9.08
CA ASN B 280 17.27 4.50 -10.17
C ASN B 280 16.21 5.48 -10.67
N PRO B 281 16.58 6.42 -11.55
CA PRO B 281 15.57 7.28 -12.18
C PRO B 281 14.65 6.47 -13.08
N LEU B 282 13.44 6.99 -13.26
CA LEU B 282 12.38 6.41 -14.09
C LEU B 282 11.93 5.02 -13.61
N SER B 283 12.25 4.68 -12.36
CA SER B 283 11.81 3.44 -11.73
C SER B 283 10.83 3.84 -10.64
N THR B 284 9.61 3.33 -10.74
CA THR B 284 8.55 3.73 -9.82
C THR B 284 8.80 3.16 -8.42
N SER B 285 8.69 4.03 -7.41
CA SER B 285 8.89 3.61 -6.02
C SER B 285 7.72 2.75 -5.53
N ASN B 286 7.99 1.94 -4.51
CA ASN B 286 6.94 1.15 -3.88
C ASN B 286 6.34 1.81 -2.63
N GLN B 287 6.97 2.89 -2.14
CA GLN B 287 6.52 3.50 -0.89
C GLN B 287 5.44 4.54 -1.15
N TRP B 288 4.42 4.54 -0.28
CA TRP B 288 3.32 5.47 -0.35
C TRP B 288 3.41 6.49 0.79
N LEU B 289 2.88 7.68 0.55
CA LEU B 289 2.86 8.76 1.52
C LEU B 289 1.44 9.28 1.72
N TRP B 290 1.12 9.55 2.97
CA TRP B 290 -0.07 10.27 3.38
C TRP B 290 0.27 11.74 3.49
N VAL B 291 -0.47 12.58 2.74
CA VAL B 291 -0.19 14.01 2.69
C VAL B 291 -1.46 14.79 3.05
N SER B 292 -1.38 15.60 4.10
CA SER B 292 -2.43 16.55 4.46
C SER B 292 -1.73 17.88 4.70
N ASP B 293 -1.76 18.73 3.66
CA ASP B 293 -1.15 20.05 3.64
C ASP B 293 0.32 20.02 4.04
N ASP B 294 0.66 20.56 5.21
CA ASP B 294 2.05 20.58 5.66
C ASP B 294 2.53 19.24 6.20
N THR B 295 1.61 18.36 6.56
CA THR B 295 1.95 17.12 7.27
C THR B 295 2.12 16.00 6.25
N VAL B 296 3.34 15.50 6.12
CA VAL B 296 3.64 14.39 5.22
C VAL B 296 4.26 13.26 6.04
N ARG B 297 3.77 12.04 5.83
CA ARG B 297 4.30 10.88 6.53
C ARG B 297 4.21 9.67 5.62
N LYS B 298 4.89 8.59 6.01
CA LYS B 298 4.75 7.37 5.23
C LYS B 298 3.36 6.79 5.44
N ALA B 299 3.03 5.83 4.59
CA ALA B 299 1.77 5.13 4.71
C ALA B 299 1.95 3.79 4.03
N SER B 300 1.46 2.74 4.68
CA SER B 300 1.55 1.41 4.10
C SER B 300 0.60 1.31 2.91
N LEU B 301 0.82 0.26 2.11
CA LEU B 301 -0.03 0.05 0.94
C LEU B 301 -1.46 -0.30 1.36
N GLN B 302 -1.59 -1.08 2.43
CA GLN B 302 -2.92 -1.51 2.88
C GLN B 302 -3.74 -0.32 3.36
N GLU B 303 -3.07 0.70 3.90
CA GLU B 303 -3.76 1.93 4.29
C GLU B 303 -4.31 2.63 3.04
N VAL B 304 -3.53 2.63 1.96
CA VAL B 304 -3.95 3.29 0.71
C VAL B 304 -5.13 2.54 0.08
N LEU B 305 -5.03 1.20 0.02
CA LEU B 305 -6.06 0.43 -0.65
C LEU B 305 -7.38 0.40 0.11
N SER B 306 -7.36 0.69 1.41
CA SER B 306 -8.57 0.60 2.19
C SER B 306 -9.33 1.94 2.28
N SER B 307 -8.76 3.04 1.80
CA SER B 307 -9.36 4.35 2.00
C SER B 307 -10.57 4.56 1.09
N SER B 308 -11.56 5.30 1.60
CA SER B 308 -12.76 5.62 0.81
C SER B 308 -12.34 6.64 -0.24
N ALA B 309 -11.99 6.16 -1.43
CA ALA B 309 -11.40 6.99 -2.46
C ALA B 309 -12.42 7.94 -3.08
N TYR B 310 -11.94 9.16 -3.40
CA TYR B 310 -12.66 10.18 -4.15
C TYR B 310 -12.11 10.35 -5.55
N LEU B 311 -10.81 10.61 -5.71
CA LEU B 311 -10.18 10.67 -7.02
C LEU B 311 -9.09 9.61 -7.12
N LEU B 312 -8.97 9.01 -8.29
CA LEU B 312 -8.01 7.94 -8.54
C LEU B 312 -7.12 8.34 -9.70
N PHE B 313 -5.86 8.69 -9.42
CA PHE B 313 -4.94 9.05 -10.48
C PHE B 313 -4.06 7.87 -10.84
N TYR B 314 -4.13 7.46 -12.12
CA TYR B 314 -3.41 6.32 -12.68
C TYR B 314 -2.53 6.79 -13.85
N GLU B 315 -1.45 6.06 -14.08
CA GLU B 315 -0.51 6.32 -15.18
C GLU B 315 -0.39 5.06 -16.05
N ARG B 316 -0.31 5.23 -17.37
CA ARG B 316 -0.30 4.08 -18.28
C ARG B 316 1.02 3.31 -18.17
N VAL B 317 0.92 2.00 -18.00
CA VAL B 317 2.09 1.13 -17.92
C VAL B 317 2.25 0.36 -19.23
#